data_7S1L
#
_entry.id   7S1L
#
_cell.length_a   116.208
_cell.length_b   63.944
_cell.length_c   74.668
_cell.angle_alpha   90.000
_cell.angle_beta   126.390
_cell.angle_gamma   90.000
#
_symmetry.space_group_name_H-M   'C 1 2 1'
#
loop_
_entity.id
_entity.type
_entity.pdbx_description
1 polymer 'Thiol:disulfide interchange protein DsbA'
2 non-polymer 'methyl cis-4-({[3-(thiophen-3-yl)benzyl]amino}methyl)cyclohexanecarboxylate'
3 non-polymer 'COPPER (II) ION'
4 water water
#
_entity_poly.entity_id   1
_entity_poly.type   'polypeptide(L)'
_entity_poly.pdbx_seq_one_letter_code
;AQYEDGKQYTTLEKPVAGAPQVLEFFSFFCPHCYQFEEVLHISDNVKKKLPEGVKMTKYHVNFMGGDLGKDLTQAWAVAM
ALGVEDKVTVPLFEGVQKTQTIRSASDIRDVFINAGIKGEEYDAAWNSFVVKSLVAQQEKAAADVQLRGVPAMFVNGKYQ
LNPQGMDTSNMDVFVQQYADTVKYLSEKK
;
_entity_poly.pdbx_strand_id   A,B
#
loop_
_chem_comp.id
_chem_comp.type
_chem_comp.name
_chem_comp.formula
62J non-polymer 'methyl cis-4-({[3-(thiophen-3-yl)benzyl]amino}methyl)cyclohexanecarboxylate' 'C20 H25 N O2 S'
CU non-polymer 'COPPER (II) ION' 'Cu 2'
#
# COMPACT_ATOMS: atom_id res chain seq x y z
N ALA A 1 22.59 -7.27 -24.17
CA ALA A 1 22.20 -5.88 -24.49
C ALA A 1 21.81 -5.17 -23.19
N GLN A 2 21.72 -3.84 -23.23
CA GLN A 2 21.36 -3.13 -22.03
C GLN A 2 19.90 -3.39 -21.66
N TYR A 3 19.02 -3.36 -22.65
CA TYR A 3 17.63 -3.80 -22.43
C TYR A 3 17.49 -5.21 -22.98
N GLU A 4 16.99 -6.13 -22.17
CA GLU A 4 16.99 -7.55 -22.53
C GLU A 4 15.63 -8.17 -22.28
N ASP A 5 15.10 -8.89 -23.27
CA ASP A 5 13.85 -9.66 -23.14
C ASP A 5 14.06 -10.62 -21.99
N GLY A 6 13.14 -10.62 -21.04
CA GLY A 6 13.25 -11.38 -19.81
C GLY A 6 13.86 -10.62 -18.66
N LYS A 7 14.43 -9.45 -18.97
CA LYS A 7 14.98 -8.58 -17.96
C LYS A 7 14.01 -7.47 -17.62
N GLN A 8 14.16 -6.32 -18.28
CA GLN A 8 13.23 -5.23 -17.96
C GLN A 8 11.84 -5.39 -18.54
N TYR A 9 11.65 -6.35 -19.45
CA TYR A 9 10.35 -6.52 -20.13
C TYR A 9 10.32 -7.97 -20.58
N THR A 10 9.12 -8.46 -20.89
CA THR A 10 8.96 -9.74 -21.55
C THR A 10 8.19 -9.52 -22.84
N THR A 11 8.12 -10.57 -23.65
CA THR A 11 7.50 -10.48 -24.96
C THR A 11 6.32 -11.42 -24.99
N LEU A 12 5.14 -10.88 -25.30
CA LEU A 12 3.93 -11.71 -25.35
C LEU A 12 4.03 -12.76 -26.43
N GLU A 13 3.66 -14.00 -26.11
CA GLU A 13 3.66 -15.07 -27.13
C GLU A 13 2.56 -14.82 -28.15
N LYS A 14 1.43 -14.29 -27.66
CA LYS A 14 0.30 -13.99 -28.51
C LYS A 14 0.09 -12.49 -28.52
N PRO A 15 0.76 -11.78 -29.44
CA PRO A 15 0.61 -10.33 -29.43
C PRO A 15 -0.78 -9.92 -29.83
N VAL A 16 -1.18 -8.80 -29.26
CA VAL A 16 -2.53 -8.32 -29.43
C VAL A 16 -2.63 -7.32 -30.55
N ALA A 17 -3.37 -7.66 -31.60
CA ALA A 17 -3.55 -6.75 -32.70
C ALA A 17 -4.36 -5.52 -32.28
N GLY A 18 -3.92 -4.34 -32.73
CA GLY A 18 -4.67 -3.13 -32.47
C GLY A 18 -4.68 -2.60 -31.06
N ALA A 19 -3.78 -3.09 -30.21
CA ALA A 19 -3.79 -2.67 -28.79
C ALA A 19 -3.36 -1.21 -28.63
N PRO A 20 -3.67 -0.59 -27.49
CA PRO A 20 -3.19 0.76 -27.19
C PRO A 20 -1.69 0.82 -27.14
N GLN A 21 -1.13 1.97 -27.47
CA GLN A 21 0.32 2.10 -27.52
C GLN A 21 0.98 1.78 -26.18
N VAL A 22 0.44 2.36 -25.11
CA VAL A 22 1.02 2.13 -23.79
C VAL A 22 -0.19 1.92 -22.90
N LEU A 23 -0.29 0.74 -22.32
CA LEU A 23 -1.54 0.34 -21.63
C LEU A 23 -1.18 -0.09 -20.22
N GLU A 24 -1.66 0.67 -19.23
CA GLU A 24 -1.44 0.38 -17.82
C GLU A 24 -2.73 -0.16 -17.19
N PHE A 25 -2.59 -1.17 -16.33
CA PHE A 25 -3.73 -1.71 -15.58
C PHE A 25 -3.44 -1.57 -14.09
N PHE A 26 -4.49 -1.33 -13.31
CA PHE A 26 -4.36 -1.26 -11.86
C PHE A 26 -5.68 -1.63 -11.22
N SER A 27 -5.64 -1.81 -9.90
CA SER A 27 -6.89 -1.85 -9.11
C SER A 27 -6.71 -0.91 -7.95
N PHE A 28 -7.79 -0.23 -7.56
CA PHE A 28 -7.73 0.56 -6.32
C PHE A 28 -7.59 -0.34 -5.07
N PHE A 29 -7.83 -1.65 -5.18
CA PHE A 29 -7.52 -2.60 -4.07
C PHE A 29 -6.09 -3.15 -4.00
N CYS A 30 -5.29 -2.80 -5.00
CA CYS A 30 -3.99 -3.42 -5.19
C CYS A 30 -2.91 -2.66 -4.42
N PRO A 31 -2.32 -3.31 -3.42
CA PRO A 31 -1.34 -2.55 -2.61
C PRO A 31 -0.15 -2.07 -3.41
N HIS A 32 0.40 -2.88 -4.33
CA HIS A 32 1.52 -2.39 -5.08
C HIS A 32 1.10 -1.26 -5.98
N CYS A 33 -0.18 -1.27 -6.38
CA CYS A 33 -0.69 -0.19 -7.27
C CYS A 33 -0.75 1.11 -6.52
N TYR A 34 -1.12 1.07 -5.22
CA TYR A 34 -1.08 2.26 -4.39
C TYR A 34 0.33 2.85 -4.33
N GLN A 35 1.30 1.98 -4.12
CA GLN A 35 2.69 2.44 -4.11
C GLN A 35 3.07 3.03 -5.47
N PHE A 36 2.74 2.30 -6.55
CA PHE A 36 3.11 2.77 -7.87
C PHE A 36 2.58 4.12 -8.17
N GLU A 37 1.32 4.37 -7.78
CA GLU A 37 0.68 5.63 -8.15
C GLU A 37 0.92 6.71 -7.13
N GLU A 38 0.72 6.41 -5.86
CA GLU A 38 0.73 7.43 -4.85
C GLU A 38 2.13 7.81 -4.34
N VAL A 39 3.07 6.86 -4.39
CA VAL A 39 4.38 7.09 -3.84
C VAL A 39 5.48 7.19 -4.89
N LEU A 40 5.38 6.34 -5.90
CA LEU A 40 6.38 6.34 -7.02
C LEU A 40 5.96 7.20 -8.21
N HIS A 41 4.66 7.39 -8.38
CA HIS A 41 4.11 8.16 -9.51
C HIS A 41 4.59 7.59 -10.84
N ILE A 42 4.45 6.30 -10.99
CA ILE A 42 4.91 5.60 -12.21
C ILE A 42 4.20 6.16 -13.45
N SER A 43 2.86 6.27 -13.40
CA SER A 43 2.13 6.69 -14.61
C SER A 43 2.66 8.02 -15.09
N ASP A 44 2.77 8.98 -14.16
CA ASP A 44 3.18 10.30 -14.52
C ASP A 44 4.61 10.33 -15.10
N ASN A 45 5.52 9.58 -14.48
CA ASN A 45 6.89 9.62 -14.95
C ASN A 45 7.04 8.87 -16.28
N VAL A 46 6.25 7.86 -16.49
CA VAL A 46 6.22 7.22 -17.83
C VAL A 46 5.70 8.22 -18.85
N LYS A 47 4.54 8.83 -18.54
CA LYS A 47 3.87 9.68 -19.51
C LYS A 47 4.79 10.80 -19.91
N LYS A 48 5.51 11.32 -18.93
CA LYS A 48 6.33 12.48 -19.19
C LYS A 48 7.56 12.20 -20.05
N LYS A 49 7.85 10.92 -20.26
CA LYS A 49 8.95 10.52 -21.17
C LYS A 49 8.52 9.88 -22.49
N LEU A 50 7.23 9.66 -22.70
CA LEU A 50 6.80 9.09 -23.97
C LEU A 50 7.19 9.97 -25.12
N PRO A 51 7.65 9.33 -26.22
CA PRO A 51 7.85 10.01 -27.49
C PRO A 51 6.66 10.80 -27.89
N GLU A 52 6.89 11.79 -28.73
CA GLU A 52 5.80 12.60 -29.25
C GLU A 52 4.84 11.69 -30.06
N GLY A 53 3.54 11.89 -29.89
CA GLY A 53 2.57 11.10 -30.63
C GLY A 53 2.30 9.75 -30.00
N VAL A 54 2.86 9.49 -28.82
CA VAL A 54 2.52 8.25 -28.14
C VAL A 54 1.66 8.56 -26.91
N LYS A 55 0.50 7.92 -26.82
CA LYS A 55 -0.44 8.20 -25.76
C LYS A 55 -0.54 7.05 -24.78
N MET A 56 -1.01 7.40 -23.61
CA MET A 56 -1.04 6.47 -22.52
C MET A 56 -2.50 6.19 -22.18
N THR A 57 -2.81 4.91 -21.98
CA THR A 57 -4.14 4.46 -21.61
C THR A 57 -4.06 3.76 -20.25
N LYS A 58 -4.93 4.10 -19.30
CA LYS A 58 -4.85 3.46 -17.97
C LYS A 58 -6.23 2.97 -17.57
N TYR A 59 -6.33 1.66 -17.33
CA TYR A 59 -7.61 1.01 -17.08
C TYR A 59 -7.60 0.26 -15.76
N HIS A 60 -8.79 0.13 -15.16
CA HIS A 60 -9.01 -0.54 -13.90
C HIS A 60 -9.40 -1.99 -14.21
N VAL A 61 -9.27 -2.87 -13.23
CA VAL A 61 -9.58 -4.28 -13.42
C VAL A 61 -10.56 -4.79 -12.40
N ASN A 62 -11.19 -5.93 -12.70
CA ASN A 62 -12.28 -6.42 -11.86
C ASN A 62 -11.81 -7.49 -10.87
N PHE A 63 -10.65 -8.08 -11.08
CA PHE A 63 -10.44 -9.38 -10.43
C PHE A 63 -10.02 -9.25 -8.94
N MET A 64 -9.91 -8.04 -8.40
CA MET A 64 -9.69 -7.84 -6.97
C MET A 64 -10.87 -7.16 -6.37
N GLY A 65 -11.30 -7.59 -5.19
CA GLY A 65 -12.36 -6.86 -4.51
C GLY A 65 -13.78 -7.19 -4.79
N GLY A 66 -14.01 -8.28 -5.53
CA GLY A 66 -15.37 -8.74 -5.69
C GLY A 66 -16.32 -7.70 -6.27
N ASP A 67 -17.43 -7.51 -5.58
CA ASP A 67 -18.46 -6.60 -6.04
C ASP A 67 -17.91 -5.17 -6.15
N LEU A 68 -17.21 -4.75 -5.10
CA LEU A 68 -16.71 -3.36 -5.04
C LEU A 68 -15.62 -3.18 -6.10
N GLY A 69 -14.90 -4.25 -6.42
CA GLY A 69 -13.90 -4.09 -7.46
C GLY A 69 -14.55 -3.74 -8.82
N LYS A 70 -15.70 -4.38 -9.14
CA LYS A 70 -16.44 -4.06 -10.36
C LYS A 70 -17.04 -2.68 -10.31
N ASP A 71 -17.53 -2.28 -9.13
CA ASP A 71 -18.03 -0.94 -8.98
C ASP A 71 -16.90 0.06 -9.28
N LEU A 72 -15.67 -0.23 -8.81
CA LEU A 72 -14.56 0.69 -9.09
C LEU A 72 -14.19 0.74 -10.56
N THR A 73 -14.28 -0.37 -11.26
CA THR A 73 -14.07 -0.34 -12.71
C THR A 73 -15.11 0.58 -13.37
N GLN A 74 -16.36 0.50 -12.88
CA GLN A 74 -17.40 1.37 -13.42
C GLN A 74 -17.11 2.86 -13.06
N ALA A 75 -16.65 3.11 -11.84
CA ALA A 75 -16.34 4.47 -11.44
C ALA A 75 -15.14 5.00 -12.22
N TRP A 76 -14.18 4.13 -12.53
CA TRP A 76 -13.03 4.60 -13.29
C TRP A 76 -13.53 4.97 -14.70
N ALA A 77 -14.50 4.19 -15.26
CA ALA A 77 -15.14 4.56 -16.53
C ALA A 77 -15.78 5.96 -16.42
N VAL A 78 -16.44 6.24 -15.28
CA VAL A 78 -17.00 7.56 -15.08
C VAL A 78 -15.90 8.61 -15.04
N ALA A 79 -14.79 8.33 -14.33
CA ALA A 79 -13.70 9.28 -14.29
C ALA A 79 -13.13 9.58 -15.68
N MET A 80 -12.97 8.53 -16.51
CA MET A 80 -12.46 8.73 -17.88
C MET A 80 -13.48 9.53 -18.70
N ALA A 81 -14.75 9.19 -18.56
CA ALA A 81 -15.77 9.86 -19.38
C ALA A 81 -15.86 11.33 -19.05
N LEU A 82 -15.72 11.65 -17.77
CA LEU A 82 -15.80 13.03 -17.34
C LEU A 82 -14.48 13.77 -17.37
N GLY A 83 -13.37 13.05 -17.61
CA GLY A 83 -12.02 13.63 -17.58
C GLY A 83 -11.56 14.12 -16.22
N VAL A 84 -11.93 13.41 -15.16
CA VAL A 84 -11.57 13.83 -13.80
C VAL A 84 -10.62 12.81 -13.11
N GLU A 85 -9.89 12.02 -13.90
CA GLU A 85 -8.91 11.11 -13.33
C GLU A 85 -7.97 11.76 -12.35
N ASP A 86 -7.50 12.96 -12.68
CA ASP A 86 -6.57 13.63 -11.78
C ASP A 86 -7.18 14.20 -10.52
N LYS A 87 -8.51 14.21 -10.41
CA LYS A 87 -9.19 14.67 -9.23
C LYS A 87 -9.52 13.54 -8.31
N VAL A 88 -9.70 12.33 -8.86
CA VAL A 88 -10.27 11.28 -8.01
C VAL A 88 -9.32 10.13 -7.73
N THR A 89 -8.19 10.08 -8.43
CA THR A 89 -7.31 8.91 -8.24
C THR A 89 -6.79 8.85 -6.77
N VAL A 90 -6.32 9.98 -6.25
CA VAL A 90 -5.77 9.99 -4.89
C VAL A 90 -6.87 9.63 -3.87
N PRO A 91 -8.05 10.32 -3.90
CA PRO A 91 -9.04 9.95 -2.86
C PRO A 91 -9.62 8.55 -3.00
N LEU A 92 -9.66 8.02 -4.23
CA LEU A 92 -10.12 6.62 -4.34
C LEU A 92 -9.09 5.67 -3.74
N PHE A 93 -7.81 5.84 -4.08
CA PHE A 93 -6.81 4.97 -3.43
C PHE A 93 -6.84 5.12 -1.93
N GLU A 94 -6.91 6.36 -1.44
CA GLU A 94 -6.85 6.54 -0.01
C GLU A 94 -8.13 6.02 0.66
N GLY A 95 -9.26 6.21 -0.02
CA GLY A 95 -10.51 5.72 0.55
C GLY A 95 -10.49 4.20 0.65
N VAL A 96 -9.99 3.51 -0.37
CA VAL A 96 -9.99 2.03 -0.31
C VAL A 96 -8.94 1.53 0.66
N GLN A 97 -7.72 2.08 0.63
CA GLN A 97 -6.60 1.45 1.34
C GLN A 97 -6.08 2.18 2.56
N LYS A 98 -6.21 3.51 2.58
CA LYS A 98 -5.67 4.28 3.72
C LYS A 98 -6.74 4.43 4.82
N THR A 99 -7.85 5.10 4.51
CA THR A 99 -8.89 5.29 5.55
C THR A 99 -9.87 4.12 5.60
N GLN A 100 -9.90 3.31 4.54
CA GLN A 100 -10.82 2.17 4.35
C GLN A 100 -12.25 2.63 4.60
N THR A 101 -12.57 3.79 4.06
CA THR A 101 -13.92 4.33 4.16
C THR A 101 -14.78 4.05 2.93
N ILE A 102 -14.21 3.40 1.91
CA ILE A 102 -14.96 3.03 0.71
C ILE A 102 -15.37 1.59 0.82
N ARG A 103 -16.65 1.39 1.10
CA ARG A 103 -17.19 0.06 1.30
C ARG A 103 -18.38 -0.28 0.38
N SER A 104 -18.88 0.70 -0.35
CA SER A 104 -20.03 0.56 -1.22
C SER A 104 -19.93 1.48 -2.40
N ALA A 105 -20.83 1.26 -3.35
CA ALA A 105 -20.89 2.13 -4.51
C ALA A 105 -21.20 3.57 -4.08
N SER A 106 -22.05 3.75 -3.06
CA SER A 106 -22.33 5.10 -2.59
C SER A 106 -21.08 5.77 -2.02
N ASP A 107 -20.25 5.02 -1.30
CA ASP A 107 -19.01 5.64 -0.77
C ASP A 107 -18.08 6.09 -1.93
N ILE A 108 -18.05 5.34 -3.04
CA ILE A 108 -17.26 5.74 -4.21
C ILE A 108 -17.81 7.05 -4.77
N ARG A 109 -19.13 7.10 -4.90
CA ARG A 109 -19.77 8.30 -5.39
C ARG A 109 -19.43 9.55 -4.53
N ASP A 110 -19.42 9.36 -3.20
CA ASP A 110 -19.05 10.46 -2.27
C ASP A 110 -17.69 11.08 -2.62
N VAL A 111 -16.73 10.26 -3.04
CA VAL A 111 -15.40 10.79 -3.42
C VAL A 111 -15.56 11.75 -4.57
N PHE A 112 -16.39 11.38 -5.56
CA PHE A 112 -16.60 12.27 -6.73
C PHE A 112 -17.31 13.58 -6.32
N ILE A 113 -18.32 13.43 -5.46
CA ILE A 113 -19.02 14.62 -4.98
C ILE A 113 -18.08 15.55 -4.23
N ASN A 114 -17.25 15.00 -3.34
CA ASN A 114 -16.33 15.81 -2.56
C ASN A 114 -15.31 16.46 -3.48
N ALA A 115 -15.01 15.81 -4.60
CA ALA A 115 -14.07 16.34 -5.55
C ALA A 115 -14.71 17.35 -6.50
N GLY A 116 -16.01 17.60 -6.34
CA GLY A 116 -16.66 18.69 -7.04
C GLY A 116 -17.45 18.29 -8.28
N ILE A 117 -17.52 16.98 -8.55
CA ILE A 117 -18.41 16.49 -9.60
C ILE A 117 -19.84 16.59 -9.05
N LYS A 118 -20.75 17.24 -9.78
N LYS A 118 -20.74 17.25 -9.77
CA LYS A 118 -22.14 17.36 -9.37
CA LYS A 118 -22.12 17.39 -9.31
C LYS A 118 -22.81 16.00 -9.31
C LYS A 118 -22.81 16.02 -9.29
N GLY A 119 -23.67 15.82 -8.31
CA GLY A 119 -24.40 14.55 -8.16
C GLY A 119 -25.14 14.15 -9.42
N GLU A 120 -25.81 15.11 -10.05
CA GLU A 120 -26.56 14.79 -11.27
C GLU A 120 -25.64 14.29 -12.39
N GLU A 121 -24.49 14.92 -12.50
CA GLU A 121 -23.53 14.63 -13.53
C GLU A 121 -22.89 13.24 -13.32
N TYR A 122 -22.57 12.97 -12.06
CA TYR A 122 -22.06 11.64 -11.72
C TYR A 122 -23.09 10.57 -12.02
N ASP A 123 -24.33 10.77 -11.57
CA ASP A 123 -25.33 9.72 -11.71
C ASP A 123 -25.66 9.50 -13.18
N ALA A 124 -25.71 10.60 -13.94
CA ALA A 124 -25.95 10.48 -15.40
C ALA A 124 -24.84 9.66 -16.08
N ALA A 125 -23.59 9.96 -15.73
CA ALA A 125 -22.45 9.22 -16.30
C ALA A 125 -22.52 7.78 -15.84
N TRP A 126 -22.75 7.57 -14.53
CA TRP A 126 -22.76 6.20 -14.00
C TRP A 126 -23.71 5.28 -14.73
N ASN A 127 -24.87 5.81 -15.11
CA ASN A 127 -25.92 5.01 -15.74
C ASN A 127 -25.86 5.02 -17.26
N SER A 128 -24.85 5.69 -17.81
CA SER A 128 -24.84 5.96 -19.27
C SER A 128 -24.31 4.79 -20.04
N PHE A 129 -24.70 4.70 -21.32
CA PHE A 129 -24.12 3.66 -22.16
C PHE A 129 -22.72 4.00 -22.61
N VAL A 130 -22.37 5.28 -22.62
CA VAL A 130 -20.95 5.65 -22.87
C VAL A 130 -20.09 5.03 -21.77
N VAL A 131 -20.57 5.08 -20.53
CA VAL A 131 -19.78 4.41 -19.49
C VAL A 131 -19.82 2.88 -19.62
N LYS A 132 -20.96 2.28 -19.98
CA LYS A 132 -20.95 0.84 -20.20
C LYS A 132 -19.93 0.47 -21.27
N SER A 133 -19.82 1.28 -22.33
CA SER A 133 -18.87 1.00 -23.39
C SER A 133 -17.43 1.10 -22.85
N LEU A 134 -17.18 2.11 -21.99
CA LEU A 134 -15.84 2.26 -21.39
C LEU A 134 -15.52 1.08 -20.46
N VAL A 135 -16.53 0.56 -19.75
CA VAL A 135 -16.28 -0.61 -18.93
C VAL A 135 -15.91 -1.78 -19.86
N ALA A 136 -16.67 -1.91 -20.95
CA ALA A 136 -16.40 -2.99 -21.91
C ALA A 136 -15.00 -2.89 -22.46
N GLN A 137 -14.57 -1.68 -22.75
CA GLN A 137 -13.23 -1.46 -23.31
C GLN A 137 -12.16 -1.87 -22.30
N GLN A 138 -12.40 -1.53 -21.04
CA GLN A 138 -11.44 -1.89 -19.98
C GLN A 138 -11.33 -3.39 -19.85
N GLU A 139 -12.49 -4.04 -19.86
CA GLU A 139 -12.49 -5.50 -19.73
C GLU A 139 -11.85 -6.20 -20.93
N LYS A 140 -12.15 -5.70 -22.12
CA LYS A 140 -11.57 -6.32 -23.28
C LYS A 140 -10.07 -6.20 -23.31
N ALA A 141 -9.56 -5.01 -22.99
CA ALA A 141 -8.11 -4.85 -23.08
C ALA A 141 -7.40 -5.83 -22.10
N ALA A 142 -7.99 -6.02 -20.94
CA ALA A 142 -7.38 -6.91 -19.97
C ALA A 142 -7.53 -8.37 -20.42
N ALA A 143 -8.68 -8.67 -20.97
CA ALA A 143 -8.91 -10.05 -21.44
C ALA A 143 -7.97 -10.43 -22.56
N ASP A 144 -7.61 -9.45 -23.36
CA ASP A 144 -6.82 -9.73 -24.56
C ASP A 144 -5.40 -10.15 -24.18
N VAL A 145 -4.96 -9.77 -22.98
CA VAL A 145 -3.61 -10.14 -22.52
C VAL A 145 -3.68 -11.17 -21.39
N GLN A 146 -4.85 -11.78 -21.22
CA GLN A 146 -5.17 -12.73 -20.13
C GLN A 146 -4.69 -12.25 -18.76
N LEU A 147 -5.03 -11.01 -18.44
CA LEU A 147 -4.47 -10.40 -17.25
C LEU A 147 -4.95 -11.02 -15.94
N ARG A 148 -3.98 -11.35 -15.07
CA ARG A 148 -4.32 -11.96 -13.79
C ARG A 148 -3.59 -11.29 -12.64
N GLY A 149 -2.78 -10.27 -12.96
CA GLY A 149 -2.15 -9.53 -11.88
C GLY A 149 -1.94 -8.06 -12.23
N VAL A 150 -1.97 -7.23 -11.21
CA VAL A 150 -1.63 -5.80 -11.34
C VAL A 150 -0.60 -5.47 -10.26
N PRO A 151 0.09 -4.35 -10.40
CA PRO A 151 0.08 -3.45 -11.53
C PRO A 151 0.65 -4.12 -12.79
N ALA A 152 0.31 -3.61 -13.98
CA ALA A 152 0.88 -4.17 -15.21
C ALA A 152 0.92 -3.07 -16.24
N MET A 153 1.86 -3.16 -17.16
CA MET A 153 1.90 -2.21 -18.26
C MET A 153 2.38 -2.95 -19.52
N PHE A 154 1.74 -2.62 -20.65
CA PHE A 154 2.00 -3.28 -21.92
C PHE A 154 2.34 -2.19 -22.93
N VAL A 155 3.21 -2.51 -23.88
CA VAL A 155 3.54 -1.59 -24.94
C VAL A 155 3.23 -2.21 -26.32
N ASN A 156 2.35 -1.53 -27.06
CA ASN A 156 1.97 -1.95 -28.44
C ASN A 156 1.44 -3.39 -28.60
N GLY A 157 0.78 -3.90 -27.57
CA GLY A 157 0.28 -5.24 -27.63
C GLY A 157 1.36 -6.30 -27.67
N LYS A 158 2.62 -5.92 -27.53
CA LYS A 158 3.69 -6.88 -27.80
C LYS A 158 4.58 -7.19 -26.59
N TYR A 159 4.76 -6.19 -25.74
CA TYR A 159 5.71 -6.27 -24.64
C TYR A 159 5.05 -5.94 -23.31
N GLN A 160 5.51 -6.64 -22.27
CA GLN A 160 4.97 -6.45 -20.95
C GLN A 160 6.09 -5.98 -20.04
N LEU A 161 5.92 -4.87 -19.35
CA LEU A 161 6.97 -4.41 -18.43
C LEU A 161 7.25 -5.41 -17.34
N ASN A 162 8.52 -5.54 -16.96
CA ASN A 162 8.91 -6.47 -15.93
C ASN A 162 9.68 -5.73 -14.84
N PRO A 163 8.97 -5.05 -13.94
CA PRO A 163 9.70 -4.24 -12.94
C PRO A 163 10.56 -5.05 -12.01
N GLN A 164 10.24 -6.32 -11.80
CA GLN A 164 11.05 -7.15 -10.92
C GLN A 164 12.44 -7.35 -11.52
N GLY A 165 12.54 -7.13 -12.84
CA GLY A 165 13.80 -7.23 -13.54
C GLY A 165 14.55 -5.94 -13.80
N MET A 166 14.16 -4.87 -13.10
CA MET A 166 14.86 -3.60 -13.19
C MET A 166 15.80 -3.56 -12.00
N ASP A 167 17.09 -3.75 -12.30
CA ASP A 167 18.07 -4.08 -11.26
C ASP A 167 18.66 -2.86 -10.56
N THR A 168 17.82 -2.25 -9.71
CA THR A 168 18.27 -1.13 -8.85
C THR A 168 17.62 -1.22 -7.47
N SER A 169 18.38 -0.83 -6.46
CA SER A 169 17.80 -0.74 -5.13
C SER A 169 17.25 0.67 -4.74
N ASN A 170 17.30 1.65 -5.68
CA ASN A 170 16.82 3.02 -5.30
C ASN A 170 15.46 3.29 -5.96
N MET A 171 14.50 3.84 -5.22
CA MET A 171 13.15 3.86 -5.73
C MET A 171 12.99 4.90 -6.83
N ASP A 172 13.66 6.04 -6.73
CA ASP A 172 13.58 7.02 -7.83
C ASP A 172 14.35 6.55 -9.04
N VAL A 173 15.45 5.83 -8.85
CA VAL A 173 16.15 5.24 -9.97
C VAL A 173 15.26 4.19 -10.62
N PHE A 174 14.58 3.40 -9.79
CA PHE A 174 13.60 2.42 -10.28
C PHE A 174 12.56 3.07 -11.15
N VAL A 175 11.97 4.17 -10.69
CA VAL A 175 10.95 4.88 -11.45
C VAL A 175 11.50 5.30 -12.82
N GLN A 176 12.73 5.84 -12.84
CA GLN A 176 13.22 6.35 -14.12
C GLN A 176 13.68 5.18 -15.04
N GLN A 177 14.16 4.07 -14.47
N GLN A 177 14.15 4.07 -14.46
CA GLN A 177 14.38 2.89 -15.31
CA GLN A 177 14.40 2.86 -15.26
C GLN A 177 13.10 2.37 -15.93
C GLN A 177 13.13 2.33 -15.90
N TYR A 178 12.04 2.34 -15.13
CA TYR A 178 10.76 1.90 -15.63
C TYR A 178 10.32 2.80 -16.80
N ALA A 179 10.34 4.12 -16.57
CA ALA A 179 9.99 5.07 -17.62
C ALA A 179 10.89 4.94 -18.83
N ASP A 180 12.20 4.75 -18.60
CA ASP A 180 13.12 4.69 -19.75
C ASP A 180 12.91 3.39 -20.55
N THR A 181 12.51 2.33 -19.85
CA THR A 181 12.16 1.08 -20.52
C THR A 181 10.90 1.23 -21.39
N VAL A 182 9.86 1.91 -20.86
CA VAL A 182 8.67 2.11 -21.68
C VAL A 182 9.04 2.94 -22.93
N LYS A 183 9.88 3.95 -22.73
CA LYS A 183 10.29 4.79 -23.88
C LYS A 183 11.05 3.94 -24.92
N TYR A 184 11.99 3.13 -24.45
CA TYR A 184 12.75 2.22 -25.31
C TYR A 184 11.81 1.25 -26.09
N LEU A 185 10.81 0.70 -25.40
CA LEU A 185 9.90 -0.24 -26.07
C LEU A 185 9.07 0.48 -27.11
N SER A 186 8.67 1.71 -26.76
CA SER A 186 7.76 2.46 -27.62
C SER A 186 8.48 2.78 -28.90
N GLU A 187 9.82 2.84 -28.85
CA GLU A 187 10.66 3.19 -30.01
C GLU A 187 11.04 1.95 -30.82
N LYS A 188 10.73 0.77 -30.29
CA LYS A 188 11.12 -0.47 -30.95
C LYS A 188 10.28 -0.70 -32.19
N ALA B 1 -20.36 -7.25 24.90
CA ALA B 1 -19.38 -7.39 23.86
C ALA B 1 -19.04 -8.84 23.50
N GLN B 2 -20.01 -9.77 23.54
CA GLN B 2 -19.65 -11.16 23.26
C GLN B 2 -18.76 -11.32 22.03
N TYR B 3 -17.62 -11.83 22.44
CA TYR B 3 -16.48 -12.10 21.64
C TYR B 3 -16.61 -13.47 21.01
N GLU B 4 -16.35 -13.52 19.71
CA GLU B 4 -16.54 -14.75 18.96
C GLU B 4 -15.36 -14.95 18.02
N ASP B 5 -14.76 -16.14 18.06
CA ASP B 5 -13.75 -16.47 17.07
C ASP B 5 -14.31 -16.22 15.65
N GLY B 6 -13.57 -15.44 14.84
CA GLY B 6 -13.94 -15.17 13.47
C GLY B 6 -14.64 -13.82 13.35
N LYS B 7 -15.06 -13.27 14.49
CA LYS B 7 -15.65 -11.93 14.51
C LYS B 7 -14.57 -10.89 14.87
N GLN B 8 -14.33 -10.67 16.16
CA GLN B 8 -13.31 -9.69 16.56
C GLN B 8 -11.85 -10.17 16.41
N TYR B 9 -11.65 -11.48 16.28
CA TYR B 9 -10.30 -12.02 16.28
C TYR B 9 -10.38 -13.37 15.63
N THR B 10 -9.23 -13.86 15.21
CA THR B 10 -9.12 -15.24 14.79
C THR B 10 -8.01 -15.92 15.58
N THR B 11 -7.87 -17.24 15.42
CA THR B 11 -6.99 -18.06 16.26
C THR B 11 -5.91 -18.77 15.47
N LEU B 12 -4.64 -18.51 15.80
CA LEU B 12 -3.54 -19.12 15.08
C LEU B 12 -3.63 -20.61 15.09
N GLU B 13 -3.48 -21.22 13.91
CA GLU B 13 -3.40 -22.67 13.75
C GLU B 13 -2.22 -23.23 14.52
N LYS B 14 -1.13 -22.48 14.46
CA LYS B 14 0.17 -22.96 14.91
C LYS B 14 0.80 -21.91 15.83
N PRO B 15 0.36 -21.86 17.09
CA PRO B 15 0.76 -20.84 18.05
C PRO B 15 2.27 -20.72 18.26
N VAL B 16 2.72 -19.53 18.65
CA VAL B 16 4.14 -19.21 18.77
C VAL B 16 4.61 -19.06 20.21
N ALA B 17 5.51 -19.95 20.63
CA ALA B 17 6.05 -19.93 21.99
C ALA B 17 7.04 -18.77 22.18
N GLY B 18 6.94 -18.10 23.32
CA GLY B 18 7.85 -17.02 23.64
C GLY B 18 7.57 -15.70 22.95
N ALA B 19 6.43 -15.60 22.26
CA ALA B 19 6.04 -14.38 21.53
C ALA B 19 5.79 -13.26 22.52
N PRO B 20 5.98 -11.99 22.08
CA PRO B 20 5.60 -10.86 22.94
C PRO B 20 4.11 -10.94 23.28
N GLN B 21 3.74 -10.42 24.45
CA GLN B 21 2.36 -10.48 24.91
C GLN B 21 1.41 -9.81 23.91
N VAL B 22 1.74 -8.60 23.48
CA VAL B 22 0.92 -7.88 22.51
C VAL B 22 1.89 -7.37 21.44
N LEU B 23 1.75 -7.88 20.23
CA LEU B 23 2.74 -7.60 19.17
C LEU B 23 2.07 -6.97 17.96
N GLU B 24 2.43 -5.72 17.65
CA GLU B 24 1.87 -5.06 16.48
C GLU B 24 2.94 -5.01 15.39
N PHE B 25 2.54 -5.29 14.15
CA PHE B 25 3.41 -5.10 13.01
C PHE B 25 2.94 -3.95 12.16
N PHE B 26 3.89 -3.19 11.59
CA PHE B 26 3.54 -2.13 10.65
C PHE B 26 4.65 -1.91 9.63
N SER B 27 4.37 -1.07 8.66
CA SER B 27 5.42 -0.52 7.75
C SER B 27 5.21 1.00 7.61
N PHE B 28 6.30 1.76 7.52
CA PHE B 28 6.15 3.17 7.17
C PHE B 28 5.62 3.40 5.74
N PHE B 29 5.61 2.36 4.89
CA PHE B 29 5.01 2.47 3.57
C PHE B 29 3.53 2.11 3.55
N CYS B 30 3.04 1.62 4.68
CA CYS B 30 1.68 1.03 4.76
C CYS B 30 0.64 2.13 5.07
N PRO B 31 -0.26 2.44 4.10
CA PRO B 31 -1.13 3.58 4.34
C PRO B 31 -2.15 3.33 5.48
N HIS B 32 -2.64 2.11 5.62
CA HIS B 32 -3.63 1.91 6.72
C HIS B 32 -2.87 1.90 8.05
N CYS B 33 -1.58 1.63 8.01
CA CYS B 33 -0.78 1.71 9.23
C CYS B 33 -0.66 3.17 9.68
N TYR B 34 -0.47 4.05 8.70
CA TYR B 34 -0.43 5.48 9.00
C TYR B 34 -1.77 5.92 9.63
N GLN B 35 -2.87 5.44 9.06
CA GLN B 35 -4.20 5.70 9.60
C GLN B 35 -4.31 5.19 11.06
N PHE B 36 -3.94 3.92 11.24
CA PHE B 36 -3.95 3.30 12.59
C PHE B 36 -3.21 4.18 13.61
N GLU B 37 -2.01 4.65 13.24
CA GLU B 37 -1.22 5.28 14.30
C GLU B 37 -1.62 6.73 14.51
N GLU B 38 -1.81 7.45 13.41
CA GLU B 38 -1.90 8.90 13.55
C GLU B 38 -3.30 9.49 13.52
N VAL B 39 -4.30 8.71 13.07
CA VAL B 39 -5.67 9.17 13.03
C VAL B 39 -6.53 8.39 14.02
N LEU B 40 -6.46 7.06 13.97
CA LEU B 40 -7.22 6.23 14.91
C LEU B 40 -6.56 6.08 16.28
N HIS B 41 -5.25 6.29 16.33
CA HIS B 41 -4.47 6.07 17.57
C HIS B 41 -4.75 4.67 18.15
N ILE B 42 -4.65 3.65 17.30
CA ILE B 42 -4.93 2.28 17.79
C ILE B 42 -4.01 1.86 18.93
N SER B 43 -2.69 2.09 18.82
N SER B 43 -2.69 2.08 18.79
CA SER B 43 -1.79 1.59 19.85
CA SER B 43 -1.75 1.65 19.81
C SER B 43 -2.03 2.30 21.19
C SER B 43 -2.03 2.30 21.16
N ASP B 44 -2.31 3.60 21.13
CA ASP B 44 -2.65 4.35 22.35
C ASP B 44 -3.86 3.81 23.02
N ASN B 45 -4.88 3.49 22.23
CA ASN B 45 -6.13 3.07 22.82
C ASN B 45 -6.03 1.68 23.37
N VAL B 46 -5.27 0.83 22.67
CA VAL B 46 -4.97 -0.51 23.18
C VAL B 46 -4.17 -0.39 24.50
N LYS B 47 -3.10 0.38 24.53
CA LYS B 47 -2.34 0.54 25.77
C LYS B 47 -3.18 1.07 26.96
N LYS B 48 -4.07 2.05 26.72
CA LYS B 48 -4.87 2.61 27.81
C LYS B 48 -5.69 1.50 28.49
N LYS B 49 -5.94 0.40 27.78
CA LYS B 49 -6.82 -0.61 28.32
C LYS B 49 -6.16 -1.93 28.72
N LEU B 50 -4.86 -2.01 28.55
CA LEU B 50 -4.15 -3.25 28.83
C LEU B 50 -4.09 -3.51 30.32
N PRO B 51 -4.24 -4.77 30.73
CA PRO B 51 -4.14 -5.17 32.14
C PRO B 51 -2.75 -4.85 32.63
N GLU B 52 -2.63 -4.52 33.92
CA GLU B 52 -1.29 -4.23 34.48
C GLU B 52 -0.32 -5.40 34.22
N GLY B 53 0.93 -5.06 33.93
CA GLY B 53 1.92 -6.08 33.62
C GLY B 53 1.92 -6.54 32.18
N VAL B 54 1.13 -5.90 31.31
CA VAL B 54 1.15 -6.24 29.88
C VAL B 54 1.83 -5.14 29.07
N LYS B 55 2.91 -5.51 28.35
CA LYS B 55 3.70 -4.55 27.59
C LYS B 55 3.33 -4.64 26.11
N MET B 56 3.45 -3.55 25.39
CA MET B 56 3.22 -3.62 23.95
C MET B 56 4.55 -3.62 23.26
N THR B 57 4.57 -4.32 22.14
CA THR B 57 5.76 -4.43 21.33
C THR B 57 5.29 -4.10 19.93
N LYS B 58 6.06 -3.26 19.25
CA LYS B 58 5.74 -2.93 17.86
C LYS B 58 6.96 -3.13 16.99
N TYR B 59 6.79 -3.92 15.94
CA TYR B 59 7.86 -4.22 15.00
C TYR B 59 7.52 -3.73 13.57
N HIS B 60 8.58 -3.36 12.84
CA HIS B 60 8.47 -2.99 11.42
C HIS B 60 8.69 -4.22 10.53
N VAL B 61 8.16 -4.16 9.29
CA VAL B 61 8.30 -5.30 8.36
C VAL B 61 9.04 -4.89 7.11
N ASN B 62 9.66 -5.87 6.45
CA ASN B 62 10.49 -5.60 5.28
C ASN B 62 9.76 -5.57 3.97
N PHE B 63 8.55 -6.12 3.93
CA PHE B 63 8.02 -6.57 2.65
C PHE B 63 7.23 -5.49 1.90
N MET B 64 7.21 -4.26 2.41
CA MET B 64 6.69 -3.14 1.65
C MET B 64 7.83 -2.16 1.34
N GLY B 65 7.77 -1.53 0.16
CA GLY B 65 8.69 -0.47 -0.17
C GLY B 65 10.04 -0.92 -0.74
N GLY B 66 10.06 -2.09 -1.37
CA GLY B 66 11.28 -2.65 -1.96
C GLY B 66 12.45 -2.64 -0.98
N ASP B 67 13.67 -2.33 -1.44
CA ASP B 67 14.82 -2.31 -0.53
C ASP B 67 14.79 -1.28 0.60
N LEU B 68 14.07 -0.19 0.41
CA LEU B 68 14.02 0.83 1.45
C LEU B 68 13.25 0.27 2.62
N GLY B 69 12.40 -0.72 2.34
CA GLY B 69 11.65 -1.36 3.41
C GLY B 69 12.55 -1.97 4.45
N LYS B 70 13.59 -2.69 4.01
CA LYS B 70 14.50 -3.29 4.97
C LYS B 70 15.29 -2.18 5.72
N ASP B 71 15.63 -1.10 5.01
CA ASP B 71 16.34 -0.02 5.72
C ASP B 71 15.46 0.64 6.80
N LEU B 72 14.16 0.73 6.53
CA LEU B 72 13.22 1.26 7.53
C LEU B 72 13.08 0.27 8.69
N THR B 73 13.16 -1.04 8.45
CA THR B 73 13.14 -1.96 9.59
C THR B 73 14.35 -1.75 10.48
N GLN B 74 15.50 -1.53 9.85
CA GLN B 74 16.69 -1.23 10.62
C GLN B 74 16.59 0.13 11.33
N ALA B 75 16.04 1.11 10.65
CA ALA B 75 15.87 2.42 11.29
C ALA B 75 14.87 2.31 12.46
N TRP B 76 13.87 1.46 12.34
CA TRP B 76 12.97 1.30 13.46
C TRP B 76 13.68 0.60 14.63
N ALA B 77 14.58 -0.33 14.32
CA ALA B 77 15.42 -0.90 15.37
C ALA B 77 16.28 0.19 16.06
N VAL B 78 16.82 1.11 15.26
CA VAL B 78 17.56 2.24 15.85
C VAL B 78 16.59 3.06 16.75
N ALA B 79 15.38 3.31 16.27
CA ALA B 79 14.44 4.08 17.06
C ALA B 79 14.15 3.38 18.40
N MET B 80 14.01 2.06 18.35
CA MET B 80 13.74 1.31 19.58
C MET B 80 14.94 1.39 20.51
N ALA B 81 16.10 1.23 19.92
CA ALA B 81 17.36 1.20 20.70
C ALA B 81 17.66 2.54 21.37
N LEU B 82 17.37 3.63 20.67
CA LEU B 82 17.58 4.98 21.23
C LEU B 82 16.41 5.47 22.08
N GLY B 83 15.28 4.78 22.01
CA GLY B 83 14.11 5.24 22.74
C GLY B 83 13.51 6.53 22.16
N VAL B 84 13.50 6.64 20.82
CA VAL B 84 12.99 7.88 20.19
C VAL B 84 11.79 7.60 19.30
N GLU B 85 11.12 6.46 19.58
CA GLU B 85 9.95 6.13 18.74
C GLU B 85 8.96 7.30 18.67
N ASP B 86 8.73 7.98 19.80
CA ASP B 86 7.73 9.07 19.81
C ASP B 86 8.32 10.42 19.38
N LYS B 87 9.50 10.41 18.80
CA LYS B 87 9.98 11.61 18.15
C LYS B 87 10.07 11.38 16.65
N VAL B 88 10.28 10.14 16.22
CA VAL B 88 10.52 9.95 14.77
C VAL B 88 9.39 9.32 14.02
N THR B 89 8.36 8.82 14.69
CA THR B 89 7.32 8.08 13.98
C THR B 89 6.60 9.05 12.99
N VAL B 90 6.32 10.30 13.38
CA VAL B 90 5.70 11.25 12.42
C VAL B 90 6.55 11.65 11.25
N PRO B 91 7.83 12.03 11.46
CA PRO B 91 8.55 12.48 10.29
C PRO B 91 8.73 11.26 9.41
N LEU B 92 8.79 10.04 9.98
CA LEU B 92 9.02 8.87 9.09
C LEU B 92 7.77 8.58 8.27
N PHE B 93 6.60 8.51 8.89
CA PHE B 93 5.39 8.31 8.06
C PHE B 93 5.20 9.41 7.06
N GLU B 94 5.38 10.65 7.51
CA GLU B 94 5.15 11.77 6.63
C GLU B 94 6.21 11.82 5.52
N GLY B 95 7.44 11.57 5.88
CA GLY B 95 8.51 11.61 4.89
C GLY B 95 8.34 10.56 3.84
N VAL B 96 7.86 9.38 4.21
CA VAL B 96 7.63 8.31 3.19
C VAL B 96 6.39 8.55 2.39
N GLN B 97 5.27 8.81 3.07
CA GLN B 97 3.98 8.86 2.36
C GLN B 97 3.44 10.24 1.98
N LYS B 98 3.74 11.27 2.79
CA LYS B 98 3.07 12.59 2.61
C LYS B 98 3.95 13.56 1.81
N THR B 99 5.04 14.02 2.42
CA THR B 99 5.98 14.91 1.68
C THR B 99 6.87 14.17 0.68
N GLN B 100 6.97 12.86 0.86
CA GLN B 100 7.78 11.99 -0.02
C GLN B 100 9.24 12.52 -0.18
N THR B 101 9.79 12.97 0.94
CA THR B 101 11.20 13.34 1.00
C THR B 101 12.11 12.22 1.53
N ILE B 102 11.51 11.05 1.82
CA ILE B 102 12.32 9.89 2.23
C ILE B 102 12.35 8.93 1.09
N ARG B 103 13.50 8.86 0.42
CA ARG B 103 13.59 8.04 -0.78
C ARG B 103 14.84 7.16 -0.73
N SER B 104 15.63 7.28 0.33
CA SER B 104 16.92 6.59 0.45
C SER B 104 17.27 6.44 1.92
N ALA B 105 18.25 5.61 2.22
CA ALA B 105 18.61 5.44 3.63
C ALA B 105 19.15 6.74 4.21
N SER B 106 19.84 7.55 3.37
CA SER B 106 20.37 8.80 3.85
C SER B 106 19.26 9.74 4.29
N ASP B 107 18.13 9.71 3.59
CA ASP B 107 17.00 10.54 4.00
C ASP B 107 16.47 10.08 5.38
N ILE B 108 16.47 8.77 5.63
CA ILE B 108 16.04 8.31 6.94
C ILE B 108 16.93 8.88 8.03
N ARG B 109 18.24 8.84 7.79
CA ARG B 109 19.22 9.34 8.78
C ARG B 109 18.90 10.82 9.06
N ASP B 110 18.58 11.56 8.00
CA ASP B 110 18.33 12.99 8.19
C ASP B 110 17.18 13.23 9.14
N VAL B 111 16.17 12.36 9.12
CA VAL B 111 15.05 12.51 10.03
C VAL B 111 15.51 12.40 11.47
N PHE B 112 16.39 11.45 11.72
CA PHE B 112 16.87 11.31 13.11
C PHE B 112 17.73 12.52 13.52
N ILE B 113 18.57 12.98 12.59
CA ILE B 113 19.44 14.14 12.88
C ILE B 113 18.58 15.36 13.16
N ASN B 114 17.55 15.58 12.34
CA ASN B 114 16.59 16.66 12.55
C ASN B 114 15.83 16.59 13.87
N ALA B 115 15.63 15.38 14.38
CA ALA B 115 15.00 15.16 15.66
C ALA B 115 15.97 15.31 16.84
N GLY B 116 17.23 15.59 16.54
CA GLY B 116 18.18 15.92 17.61
C GLY B 116 19.15 14.80 17.95
N ILE B 117 19.13 13.72 17.17
CA ILE B 117 20.12 12.66 17.37
C ILE B 117 21.39 13.04 16.65
N LYS B 118 22.53 13.07 17.33
CA LYS B 118 23.76 13.30 16.60
C LYS B 118 23.98 12.25 15.52
N GLY B 119 24.42 12.71 14.35
CA GLY B 119 24.78 11.84 13.25
C GLY B 119 25.70 10.70 13.68
N GLU B 120 26.74 11.00 14.46
CA GLU B 120 27.68 9.93 14.82
C GLU B 120 26.98 8.87 15.73
N GLU B 121 26.02 9.32 16.55
CA GLU B 121 25.24 8.41 17.39
C GLU B 121 24.25 7.57 16.62
N TYR B 122 23.53 8.17 15.67
CA TYR B 122 22.72 7.40 14.76
C TYR B 122 23.57 6.32 14.09
N ASP B 123 24.74 6.74 13.57
CA ASP B 123 25.59 5.78 12.83
C ASP B 123 26.05 4.66 13.76
N ALA B 124 26.41 5.01 14.98
CA ALA B 124 26.87 3.99 15.90
C ALA B 124 25.74 3.04 16.24
N ALA B 125 24.54 3.57 16.47
CA ALA B 125 23.43 2.70 16.71
C ALA B 125 23.11 1.80 15.49
N TRP B 126 23.12 2.38 14.28
CA TRP B 126 22.82 1.65 13.04
C TRP B 126 23.69 0.41 12.96
N ASN B 127 24.96 0.58 13.35
CA ASN B 127 25.93 -0.49 13.25
C ASN B 127 26.07 -1.32 14.51
N SER B 128 25.22 -1.05 15.51
CA SER B 128 25.40 -1.71 16.79
C SER B 128 24.89 -3.17 16.85
N PHE B 129 25.39 -3.90 17.86
CA PHE B 129 24.89 -5.23 18.12
C PHE B 129 23.43 -5.24 18.48
N VAL B 130 23.00 -4.28 19.31
CA VAL B 130 21.64 -4.25 19.75
C VAL B 130 20.73 -4.15 18.52
N VAL B 131 21.12 -3.30 17.57
CA VAL B 131 20.26 -3.06 16.39
C VAL B 131 20.27 -4.27 15.48
N LYS B 132 21.43 -4.88 15.31
CA LYS B 132 21.49 -6.10 14.49
C LYS B 132 20.56 -7.17 15.07
N SER B 133 20.59 -7.33 16.38
CA SER B 133 19.75 -8.27 17.06
C SER B 133 18.27 -7.91 16.92
N LEU B 134 17.95 -6.62 17.03
CA LEU B 134 16.57 -6.20 16.91
C LEU B 134 16.04 -6.43 15.48
N VAL B 135 16.89 -6.26 14.47
CA VAL B 135 16.45 -6.50 13.09
C VAL B 135 16.13 -7.98 12.98
N ALA B 136 17.00 -8.82 13.53
CA ALA B 136 16.79 -10.27 13.49
C ALA B 136 15.51 -10.64 14.21
N GLN B 137 15.23 -9.99 15.36
CA GLN B 137 14.04 -10.32 16.13
C GLN B 137 12.78 -9.98 15.38
N GLN B 138 12.81 -8.81 14.74
CA GLN B 138 11.64 -8.32 13.99
C GLN B 138 11.36 -9.26 12.85
N GLU B 139 12.41 -9.63 12.14
CA GLU B 139 12.26 -10.58 11.03
C GLU B 139 11.76 -11.96 11.48
N LYS B 140 12.30 -12.46 12.61
CA LYS B 140 11.91 -13.75 13.12
C LYS B 140 10.44 -13.78 13.51
N ALA B 141 10.01 -12.71 14.17
CA ALA B 141 8.66 -12.63 14.72
C ALA B 141 7.65 -12.68 13.58
N ALA B 142 7.96 -12.00 12.48
CA ALA B 142 7.06 -11.96 11.32
C ALA B 142 6.99 -13.36 10.71
N ALA B 143 8.16 -13.97 10.55
CA ALA B 143 8.23 -15.34 10.03
C ALA B 143 7.44 -16.33 10.86
N ASP B 144 7.53 -16.16 12.18
CA ASP B 144 6.90 -17.06 13.12
C ASP B 144 5.39 -17.10 12.98
N VAL B 145 4.77 -15.97 12.61
CA VAL B 145 3.33 -15.96 12.46
C VAL B 145 2.96 -16.02 10.99
N GLN B 146 3.94 -16.35 10.15
CA GLN B 146 3.75 -16.34 8.70
C GLN B 146 3.04 -15.09 8.22
N LEU B 147 3.55 -13.93 8.63
CA LEU B 147 2.93 -12.67 8.33
C LEU B 147 2.85 -12.34 6.86
N ARG B 148 1.65 -11.94 6.40
CA ARG B 148 1.49 -11.66 4.99
C ARG B 148 1.02 -10.27 4.70
N GLY B 149 0.72 -9.49 5.75
CA GLY B 149 0.13 -8.18 5.59
C GLY B 149 0.23 -7.37 6.88
N VAL B 150 0.19 -6.05 6.72
CA VAL B 150 0.12 -5.12 7.85
C VAL B 150 -0.98 -4.08 7.54
N PRO B 151 -1.50 -3.41 8.59
CA PRO B 151 -1.24 -3.60 10.03
C PRO B 151 -1.69 -4.98 10.52
N ALA B 152 -1.12 -5.42 11.63
CA ALA B 152 -1.53 -6.71 12.19
C ALA B 152 -1.16 -6.67 13.64
N MET B 153 -1.96 -7.31 14.48
CA MET B 153 -1.63 -7.42 15.91
C MET B 153 -1.87 -8.84 16.37
N PHE B 154 -0.97 -9.33 17.24
CA PHE B 154 -1.06 -10.68 17.77
C PHE B 154 -0.95 -10.62 19.28
N VAL B 155 -1.75 -11.45 19.95
CA VAL B 155 -1.71 -11.51 21.40
C VAL B 155 -1.20 -12.90 21.84
N ASN B 156 -0.13 -12.89 22.64
CA ASN B 156 0.45 -14.11 23.19
C ASN B 156 0.83 -15.18 22.19
N GLY B 157 1.16 -14.76 20.98
CA GLY B 157 1.44 -15.68 19.90
C GLY B 157 0.31 -16.62 19.53
N LYS B 158 -0.91 -16.36 19.99
CA LYS B 158 -2.03 -17.28 19.77
C LYS B 158 -3.25 -16.70 19.04
N TYR B 159 -3.47 -15.39 19.16
CA TYR B 159 -4.68 -14.79 18.59
C TYR B 159 -4.28 -13.64 17.69
N GLN B 160 -5.06 -13.45 16.62
CA GLN B 160 -4.78 -12.38 15.69
C GLN B 160 -6.02 -11.48 15.65
N LEU B 161 -5.80 -10.17 15.82
CA LEU B 161 -6.88 -9.22 15.76
C LEU B 161 -7.52 -9.28 14.36
N ASN B 162 -8.84 -9.14 14.32
CA ASN B 162 -9.61 -9.17 13.09
C ASN B 162 -10.47 -7.94 12.88
N PRO B 163 -9.85 -6.80 12.53
CA PRO B 163 -10.64 -5.57 12.47
C PRO B 163 -11.75 -5.66 11.40
N GLN B 164 -11.54 -6.55 10.43
CA GLN B 164 -12.44 -6.61 9.30
C GLN B 164 -13.76 -7.18 9.81
N GLY B 165 -13.72 -7.84 10.97
CA GLY B 165 -14.93 -8.44 11.54
C GLY B 165 -15.60 -7.56 12.58
N MET B 166 -15.03 -6.38 12.78
CA MET B 166 -15.54 -5.45 13.77
C MET B 166 -16.47 -4.45 13.12
N ASP B 167 -17.00 -3.57 13.93
CA ASP B 167 -18.04 -2.67 13.51
C ASP B 167 -17.38 -1.42 12.97
N THR B 168 -17.18 -1.40 11.66
CA THR B 168 -16.33 -0.41 11.01
C THR B 168 -17.10 0.86 10.63
N SER B 169 -18.39 0.90 10.96
CA SER B 169 -19.23 2.02 10.57
C SER B 169 -18.92 3.27 11.38
N ASN B 170 -18.61 3.04 12.65
CA ASN B 170 -18.35 4.10 13.62
C ASN B 170 -16.92 3.96 14.11
N MET B 171 -16.09 4.94 13.77
CA MET B 171 -14.68 4.95 14.06
C MET B 171 -14.40 4.83 15.56
N ASP B 172 -15.10 5.64 16.34
CA ASP B 172 -14.83 5.68 17.78
C ASP B 172 -15.21 4.37 18.45
N VAL B 173 -16.31 3.77 18.00
CA VAL B 173 -16.77 2.50 18.55
C VAL B 173 -15.83 1.39 18.07
N PHE B 174 -15.42 1.45 16.81
CA PHE B 174 -14.43 0.54 16.29
C PHE B 174 -13.09 0.54 17.08
N VAL B 175 -12.54 1.71 17.36
CA VAL B 175 -11.28 1.77 18.08
C VAL B 175 -11.40 1.17 19.48
N GLN B 176 -12.50 1.45 20.19
CA GLN B 176 -12.62 0.86 21.52
C GLN B 176 -12.93 -0.64 21.42
N GLN B 177 -13.57 -1.05 20.33
CA GLN B 177 -13.86 -2.48 20.14
C GLN B 177 -12.52 -3.23 19.95
N TYR B 178 -11.66 -2.62 19.16
CA TYR B 178 -10.33 -3.17 18.91
C TYR B 178 -9.56 -3.26 20.23
N ALA B 179 -9.48 -2.15 20.94
CA ALA B 179 -8.80 -2.13 22.25
C ALA B 179 -9.41 -3.10 23.26
N ASP B 180 -10.75 -3.14 23.33
CA ASP B 180 -11.42 -4.01 24.26
C ASP B 180 -11.15 -5.49 23.88
N THR B 181 -11.03 -5.75 22.59
CA THR B 181 -10.74 -7.10 22.11
C THR B 181 -9.32 -7.50 22.56
N VAL B 182 -8.35 -6.59 22.41
CA VAL B 182 -6.98 -6.89 22.82
C VAL B 182 -6.98 -7.17 24.33
N LYS B 183 -7.75 -6.41 25.09
CA LYS B 183 -7.78 -6.59 26.54
C LYS B 183 -8.37 -7.95 26.85
N TYR B 184 -9.47 -8.28 26.17
CA TYR B 184 -10.12 -9.57 26.38
C TYR B 184 -9.19 -10.74 26.09
N LEU B 185 -8.47 -10.66 24.98
CA LEU B 185 -7.57 -11.73 24.59
C LEU B 185 -6.36 -11.87 25.50
N SER B 186 -5.86 -10.76 26.01
CA SER B 186 -4.68 -10.88 26.84
C SER B 186 -5.08 -11.53 28.18
N GLU B 187 -6.33 -11.34 28.61
CA GLU B 187 -6.88 -11.97 29.83
C GLU B 187 -7.29 -13.41 29.61
N LYS B 188 -7.21 -13.89 28.37
CA LYS B 188 -7.68 -15.22 28.02
C LYS B 188 -6.68 -16.29 28.48
C10 62J C . 7.90 -3.43 -6.24
N12 62J C . 12.80 -2.78 -6.96
C13 62J C . 12.72 -1.36 -7.22
C15 62J C . 11.24 -0.20 -5.52
C17 62J C . 9.64 0.83 -3.91
C20 62J C . 7.56 2.08 -2.88
C21 62J C . 9.08 2.11 -3.05
C22 62J C . 12.18 0.89 -3.57
C24 62J C . 13.64 -0.19 -5.18
O01 62J C . 5.49 -3.82 -7.28
C02 62J C . 6.34 -4.42 -7.88
O03 62J C . 5.98 -5.07 -9.08
C04 62J C . 4.62 -5.09 -9.36
C05 62J C . 7.73 -4.47 -7.35
C06 62J C . 8.74 -4.01 -8.38
C07 62J C . 10.21 -3.92 -7.96
C08 62J C . 10.46 -3.91 -6.48
C09 62J C . 9.32 -3.33 -5.63
C11 62J C . 11.80 -3.26 -5.98
C14 62J C . 12.52 -0.56 -5.93
C16 62J C . 11.08 0.50 -4.33
C18 62J C . 8.53 -0.06 -4.23
S19 62J C . 7.22 0.66 -3.61
C23 62J C . 13.48 0.52 -3.99
CU CU D . -22.17 -14.53 20.74
CU CU E . -21.27 -18.03 20.18
#